data_6YVQ
#
_entry.id   6YVQ
#
_cell.length_a   48.078
_cell.length_b   64.287
_cell.length_c   48.020
_cell.angle_alpha   90.000
_cell.angle_beta   110.550
_cell.angle_gamma   90.000
#
_symmetry.space_group_name_H-M   'P 1 21 1'
#
loop_
_entity.id
_entity.type
_entity.pdbx_description
1 polymer 'Phosphoribosylaminoimidazole-succinocarboxamide synthase'
2 non-polymer 'SULFATE ION'
3 non-polymer 1,2-ETHANEDIOL
4 water water
#
_entity_poly.entity_id   1
_entity_poly.type   'polypeptide(L)'
_entity_poly.pdbx_seq_one_letter_code
;MSHHHHHHSMRPSLSDYQHVASGKVRELYRVDDEHLLFVATDRISAFDFVLDTPIPDKGRILTAMSVFFFGLLTVPNHLA
GPPDDPRIPEEVLGRALLVRRLDMLPVECVARGYLTGSGLLDYQRTGAVCGHVLPQGLGEASRLDPPLFTPATKADIGEH
DMNVDFAAVVGLVGAVRANQLRDETIKIYTRAAAHALHKGIILADTKFEFGVDIEGNLVLADEVFTPDSSRYWDAAHYQP
GVVQDSFDKQFVRNWLTGPESGWDRASDTPPPPLPDEVAVATRERYIEAYERISGLSFSDWIGPSA
;
_entity_poly.pdbx_strand_id   A
#
loop_
_chem_comp.id
_chem_comp.type
_chem_comp.name
_chem_comp.formula
EDO non-polymer 1,2-ETHANEDIOL 'C2 H6 O2'
SO4 non-polymer 'SULFATE ION' 'O4 S -2'
#
# COMPACT_ATOMS: atom_id res chain seq x y z
N MET A 10 -31.23 2.14 9.75
CA MET A 10 -30.19 3.08 9.34
C MET A 10 -28.80 2.44 9.43
N ARG A 11 -28.35 1.91 8.29
CA ARG A 11 -27.09 1.15 8.12
C ARG A 11 -27.23 -0.30 8.57
N PRO A 12 -26.87 -1.24 7.66
CA PRO A 12 -26.92 -2.66 7.93
C PRO A 12 -25.85 -3.08 8.93
N SER A 13 -25.97 -4.27 9.48
CA SER A 13 -24.93 -4.83 10.32
C SER A 13 -23.91 -5.48 9.42
N LEU A 14 -22.66 -5.51 9.88
CA LEU A 14 -21.63 -6.20 9.14
C LEU A 14 -22.00 -7.67 8.97
N SER A 15 -22.69 -8.23 9.99
CA SER A 15 -23.12 -9.62 9.98
C SER A 15 -24.13 -9.91 8.86
N ASP A 16 -24.67 -8.87 8.24
CA ASP A 16 -25.59 -9.02 7.10
C ASP A 16 -24.85 -9.35 5.79
N TYR A 17 -23.55 -9.17 5.79
CA TYR A 17 -22.75 -9.42 4.60
C TYR A 17 -21.92 -10.70 4.76
N GLN A 18 -21.51 -11.29 3.63
CA GLN A 18 -20.72 -12.51 3.67
C GLN A 18 -19.22 -12.23 3.54
N HIS A 19 -18.46 -12.68 4.52
CA HIS A 19 -17.01 -12.56 4.47
C HIS A 19 -16.46 -13.44 3.35
N VAL A 20 -15.64 -12.86 2.46
CA VAL A 20 -15.14 -13.64 1.33
C VAL A 20 -13.62 -13.76 1.32
N ALA A 21 -12.93 -12.90 2.06
CA ALA A 21 -11.49 -12.95 2.08
C ALA A 21 -10.91 -12.15 3.23
N SER A 22 -9.85 -12.68 3.81
CA SER A 22 -9.09 -11.93 4.78
C SER A 22 -7.65 -11.83 4.31
N GLY A 23 -7.06 -10.65 4.50
CA GLY A 23 -5.64 -10.48 4.39
C GLY A 23 -5.13 -10.38 5.81
N LYS A 24 -3.89 -9.96 5.97
CA LYS A 24 -3.32 -9.77 7.30
C LYS A 24 -3.98 -8.58 7.99
N VAL A 25 -4.39 -7.60 7.19
CA VAL A 25 -4.73 -6.27 7.68
C VAL A 25 -6.08 -5.78 7.15
N ARG A 26 -6.49 -6.30 6.01
CA ARG A 26 -7.77 -5.93 5.43
C ARG A 26 -8.72 -7.11 5.36
N GLU A 27 -10.01 -6.80 5.28
CA GLU A 27 -11.05 -7.81 5.09
C GLU A 27 -11.94 -7.42 3.94
N LEU A 28 -12.56 -8.42 3.33
CA LEU A 28 -13.43 -8.19 2.20
C LEU A 28 -14.75 -8.92 2.39
N TYR A 29 -15.86 -8.22 2.11
CA TYR A 29 -17.19 -8.81 2.24
C TYR A 29 -18.00 -8.63 0.97
N ARG A 30 -18.86 -9.60 0.69
CA ARG A 30 -19.80 -9.50 -0.43
C ARG A 30 -21.03 -8.71 -0.01
N VAL A 31 -21.36 -7.69 -0.78
CA VAL A 31 -22.54 -6.87 -0.53
C VAL A 31 -23.67 -7.34 -1.42
N ASP A 32 -23.38 -7.52 -2.70
CA ASP A 32 -24.31 -8.19 -3.61
C ASP A 32 -23.49 -8.74 -4.79
N ASP A 33 -24.16 -9.15 -5.86
CA ASP A 33 -23.48 -9.80 -6.97
C ASP A 33 -22.41 -8.93 -7.62
N GLU A 34 -22.51 -7.61 -7.46
CA GLU A 34 -21.62 -6.72 -8.18
C GLU A 34 -20.85 -5.76 -7.27
N HIS A 35 -21.02 -5.90 -5.96
CA HIS A 35 -20.38 -4.98 -5.02
C HIS A 35 -19.79 -5.68 -3.81
N LEU A 36 -18.69 -5.13 -3.32
CA LEU A 36 -18.01 -5.62 -2.13
C LEU A 36 -17.83 -4.50 -1.13
N LEU A 37 -17.57 -4.89 0.11
CA LEU A 37 -17.21 -3.96 1.18
C LEU A 37 -15.76 -4.22 1.54
N PHE A 38 -14.92 -3.18 1.39
CA PHE A 38 -13.48 -3.31 1.57
C PHE A 38 -13.10 -2.65 2.90
N VAL A 39 -12.69 -3.47 3.86
CA VAL A 39 -12.54 -3.00 5.24
C VAL A 39 -11.08 -2.99 5.69
N ALA A 40 -10.64 -1.84 6.21
CA ALA A 40 -9.32 -1.74 6.82
C ALA A 40 -9.44 -1.92 8.33
N THR A 41 -8.55 -2.73 8.91
CA THR A 41 -8.49 -2.90 10.36
C THR A 41 -7.41 -1.99 10.94
N ASP A 42 -7.28 -1.97 12.26
CA ASP A 42 -6.22 -1.22 12.92
C ASP A 42 -4.95 -2.04 13.13
N ARG A 43 -4.87 -3.22 12.52
CA ARG A 43 -3.67 -4.06 12.63
C ARG A 43 -2.48 -3.43 11.90
N ILE A 44 -1.28 -3.66 12.43
CA ILE A 44 -0.06 -3.18 11.80
C ILE A 44 0.95 -4.32 11.68
N SER A 45 1.66 -4.33 10.56
CA SER A 45 2.66 -5.34 10.29
C SER A 45 4.06 -4.75 10.39
N ALA A 46 4.97 -5.51 11.00
CA ALA A 46 6.38 -5.14 11.07
C ALA A 46 7.21 -6.41 11.07
N PHE A 47 8.29 -6.40 10.30
CA PHE A 47 9.15 -7.58 10.13
C PHE A 47 8.34 -8.81 9.72
N ASP A 48 7.33 -8.59 8.87
CA ASP A 48 6.43 -9.64 8.39
C ASP A 48 5.69 -10.37 9.49
N PHE A 49 5.49 -9.68 10.60
CA PHE A 49 4.59 -10.14 11.65
C PHE A 49 3.44 -9.16 11.80
N VAL A 50 2.22 -9.68 11.92
CA VAL A 50 1.12 -8.84 12.34
C VAL A 50 1.23 -8.71 13.85
N LEU A 51 1.41 -7.47 14.32
CA LEU A 51 1.69 -7.25 15.74
C LEU A 51 0.45 -7.44 16.62
N ASP A 52 0.68 -7.72 17.89
CA ASP A 52 -0.40 -7.96 18.84
C ASP A 52 -1.21 -6.69 19.11
N THR A 53 -0.51 -5.57 19.07
CA THR A 53 -1.08 -4.28 19.44
C THR A 53 -1.61 -3.55 18.22
N PRO A 54 -2.91 -3.20 18.22
CA PRO A 54 -3.44 -2.38 17.13
C PRO A 54 -3.03 -0.91 17.25
N ILE A 55 -3.01 -0.20 16.12
CA ILE A 55 -2.79 1.24 16.13
C ILE A 55 -4.15 1.94 16.04
N PRO A 56 -4.56 2.64 17.10
CA PRO A 56 -5.91 3.24 17.08
C PRO A 56 -6.13 4.16 15.86
N ASP A 57 -7.25 3.93 15.17
CA ASP A 57 -7.67 4.70 14.00
C ASP A 57 -6.84 4.48 12.74
N LYS A 58 -5.87 3.58 12.78
CA LYS A 58 -5.06 3.33 11.58
C LYS A 58 -5.92 2.96 10.37
N GLY A 59 -6.91 2.09 10.58
CA GLY A 59 -7.81 1.75 9.49
C GLY A 59 -8.55 2.93 8.90
N ARG A 60 -9.03 3.83 9.76
CA ARG A 60 -9.73 5.02 9.27
C ARG A 60 -8.78 5.97 8.53
N ILE A 61 -7.57 6.14 9.06
CA ILE A 61 -6.61 7.06 8.46
C ILE A 61 -6.17 6.56 7.09
N LEU A 62 -5.89 5.26 6.98
CA LEU A 62 -5.45 4.73 5.68
C LEU A 62 -6.59 4.74 4.66
N THR A 63 -7.83 4.53 5.11
CA THR A 63 -8.97 4.64 4.22
C THR A 63 -9.09 6.09 3.72
N ALA A 64 -8.95 7.06 4.62
CA ALA A 64 -8.97 8.47 4.25
C ALA A 64 -7.89 8.78 3.21
N MET A 65 -6.70 8.23 3.41
CA MET A 65 -5.57 8.43 2.49
CA MET A 65 -5.58 8.44 2.49
C MET A 65 -5.86 7.87 1.11
N SER A 66 -6.34 6.62 1.07
CA SER A 66 -6.66 5.98 -0.20
C SER A 66 -7.74 6.76 -0.97
N VAL A 67 -8.79 7.17 -0.27
CA VAL A 67 -9.85 7.95 -0.89
C VAL A 67 -9.29 9.28 -1.46
N PHE A 68 -8.44 9.94 -0.69
CA PHE A 68 -7.81 11.15 -1.19
C PHE A 68 -7.06 10.92 -2.50
N PHE A 69 -6.23 9.88 -2.53
CA PHE A 69 -5.45 9.64 -3.74
C PHE A 69 -6.30 9.16 -4.92
N PHE A 70 -7.33 8.35 -4.68
CA PHE A 70 -8.29 8.00 -5.74
C PHE A 70 -8.89 9.28 -6.34
N GLY A 71 -9.20 10.26 -5.51
CA GLY A 71 -9.76 11.52 -6.00
C GLY A 71 -8.75 12.35 -6.77
N LEU A 72 -7.49 12.31 -6.34
CA LEU A 72 -6.43 13.08 -7.00
C LEU A 72 -6.09 12.53 -8.39
N LEU A 73 -6.11 11.21 -8.52
CA LEU A 73 -5.79 10.58 -9.80
C LEU A 73 -7.01 10.62 -10.72
N THR A 74 -6.77 10.69 -12.02
CA THR A 74 -7.89 10.81 -12.96
C THR A 74 -8.39 9.47 -13.49
N VAL A 75 -7.66 8.39 -13.21
CA VAL A 75 -7.97 7.07 -13.79
C VAL A 75 -9.17 6.39 -13.12
N PRO A 76 -9.87 5.56 -13.91
CA PRO A 76 -11.00 4.79 -13.35
C PRO A 76 -10.56 3.95 -12.16
N ASN A 77 -11.39 3.93 -11.12
CA ASN A 77 -11.11 3.13 -9.94
C ASN A 77 -12.35 2.38 -9.44
N HIS A 78 -12.15 1.47 -8.49
CA HIS A 78 -13.22 0.58 -8.11
C HIS A 78 -14.17 1.14 -7.06
N LEU A 79 -14.03 2.40 -6.67
CA LEU A 79 -14.96 2.96 -5.69
C LEU A 79 -16.37 3.01 -6.27
N ALA A 80 -17.35 2.56 -5.49
CA ALA A 80 -18.72 2.45 -6.00
C ALA A 80 -19.72 3.28 -5.20
N GLY A 81 -19.21 4.10 -4.30
CA GLY A 81 -20.04 5.00 -3.51
C GLY A 81 -19.18 5.87 -2.61
N PRO A 82 -19.81 6.87 -1.97
CA PRO A 82 -19.10 7.77 -1.06
C PRO A 82 -18.69 7.07 0.25
N PRO A 83 -17.77 7.68 1.00
CA PRO A 83 -17.34 7.09 2.28
C PRO A 83 -18.46 6.94 3.30
N ASP A 84 -19.57 7.66 3.13
CA ASP A 84 -20.70 7.53 4.06
C ASP A 84 -21.89 6.81 3.43
N ASP A 85 -21.65 6.09 2.34
CA ASP A 85 -22.68 5.27 1.68
C ASP A 85 -23.50 4.48 2.70
N PRO A 86 -24.83 4.52 2.59
CA PRO A 86 -25.71 3.84 3.56
C PRO A 86 -25.50 2.35 3.63
N ARG A 87 -24.82 1.77 2.63
CA ARG A 87 -24.56 0.33 2.65
C ARG A 87 -23.42 -0.03 3.63
N ILE A 88 -22.74 0.97 4.15
CA ILE A 88 -21.63 0.74 5.08
C ILE A 88 -22.12 0.66 6.53
N PRO A 89 -21.81 -0.44 7.22
CA PRO A 89 -22.26 -0.57 8.61
C PRO A 89 -21.67 0.49 9.53
N GLU A 90 -22.40 0.89 10.57
CA GLU A 90 -21.90 1.88 11.53
C GLU A 90 -20.55 1.47 12.13
N GLU A 91 -20.42 0.18 12.45
CA GLU A 91 -19.23 -0.35 13.10
C GLU A 91 -17.92 -0.11 12.32
N VAL A 92 -17.98 -0.03 10.99
CA VAL A 92 -16.77 0.13 10.19
C VAL A 92 -16.77 1.46 9.44
N LEU A 93 -17.63 2.38 9.85
CA LEU A 93 -17.73 3.69 9.22
C LEU A 93 -16.39 4.41 9.28
N GLY A 94 -15.93 4.88 8.14
CA GLY A 94 -14.65 5.56 8.03
C GLY A 94 -13.47 4.66 7.70
N ARG A 95 -13.65 3.35 7.86
CA ARG A 95 -12.59 2.39 7.54
C ARG A 95 -13.06 1.30 6.57
N ALA A 96 -14.17 1.57 5.89
CA ALA A 96 -14.71 0.63 4.91
C ALA A 96 -15.21 1.37 3.69
N LEU A 97 -15.00 0.77 2.52
CA LEU A 97 -15.45 1.37 1.26
C LEU A 97 -16.31 0.39 0.49
N LEU A 98 -17.34 0.93 -0.14
CA LEU A 98 -18.20 0.16 -1.07
C LEU A 98 -17.48 0.19 -2.43
N VAL A 99 -17.18 -0.98 -2.99
CA VAL A 99 -16.42 -1.06 -4.24
C VAL A 99 -17.10 -1.99 -5.24
N ARG A 100 -16.82 -1.80 -6.53
CA ARG A 100 -17.41 -2.71 -7.51
C ARG A 100 -16.57 -3.96 -7.66
N ARG A 101 -17.23 -5.08 -7.90
CA ARG A 101 -16.53 -6.33 -8.14
C ARG A 101 -15.88 -6.29 -9.53
N LEU A 102 -14.61 -6.67 -9.60
CA LEU A 102 -13.87 -6.71 -10.85
C LEU A 102 -13.24 -8.10 -11.08
N ASP A 103 -12.85 -8.38 -12.32
CA ASP A 103 -12.00 -9.52 -12.59
C ASP A 103 -10.56 -9.10 -12.37
N MET A 104 -9.98 -9.52 -11.25
CA MET A 104 -8.67 -9.01 -10.87
C MET A 104 -7.55 -9.62 -11.73
N LEU A 105 -6.55 -8.79 -12.04
CA LEU A 105 -5.39 -9.26 -12.79
C LEU A 105 -4.30 -9.72 -11.83
N PRO A 106 -3.71 -10.90 -12.11
CA PRO A 106 -2.76 -11.58 -11.21
C PRO A 106 -1.33 -11.03 -11.28
N VAL A 107 -1.20 -9.72 -11.13
CA VAL A 107 0.08 -9.03 -11.17
C VAL A 107 0.14 -7.98 -10.08
N GLU A 108 1.21 -7.99 -9.26
CA GLU A 108 1.44 -6.88 -8.36
C GLU A 108 2.19 -5.82 -9.16
N CYS A 109 1.51 -4.72 -9.46
CA CYS A 109 2.08 -3.65 -10.27
C CYS A 109 2.85 -2.63 -9.43
N VAL A 110 4.17 -2.81 -9.36
CA VAL A 110 5.00 -2.01 -8.47
C VAL A 110 5.81 -0.99 -9.27
N ALA A 111 5.83 0.26 -8.79
CA ALA A 111 6.70 1.29 -9.37
C ALA A 111 7.76 1.65 -8.34
N ARG A 112 9.01 1.79 -8.76
CA ARG A 112 10.06 2.23 -7.83
C ARG A 112 10.72 3.51 -8.32
N GLY A 113 10.67 4.54 -7.49
CA GLY A 113 11.39 5.77 -7.79
C GLY A 113 12.77 5.78 -7.18
N TYR A 114 13.00 4.86 -6.24
CA TYR A 114 14.26 4.78 -5.48
C TYR A 114 14.61 3.31 -5.28
N LEU A 115 15.89 3.02 -5.13
CA LEU A 115 16.33 1.62 -5.09
C LEU A 115 16.48 1.16 -3.65
N THR A 116 15.57 0.31 -3.18
CA THR A 116 15.62 -0.23 -1.83
C THR A 116 14.93 -1.59 -1.80
N GLY A 117 14.96 -2.25 -0.64
CA GLY A 117 14.24 -3.51 -0.47
C GLY A 117 14.66 -4.56 -1.48
N SER A 118 13.69 -5.29 -2.02
CA SER A 118 14.02 -6.40 -2.92
C SER A 118 14.57 -5.89 -4.24
N GLY A 119 14.23 -4.66 -4.63
CA GLY A 119 14.77 -4.08 -5.86
C GLY A 119 16.27 -3.87 -5.71
N LEU A 120 16.68 -3.25 -4.60
CA LEU A 120 18.10 -3.11 -4.33
C LEU A 120 18.81 -4.47 -4.23
N LEU A 121 18.20 -5.43 -3.53
CA LEU A 121 18.83 -6.74 -3.37
C LEU A 121 19.03 -7.44 -4.72
N ASP A 122 18.02 -7.41 -5.57
CA ASP A 122 18.15 -8.01 -6.90
C ASP A 122 19.28 -7.34 -7.69
N TYR A 123 19.34 -6.02 -7.61
CA TYR A 123 20.41 -5.28 -8.26
C TYR A 123 21.79 -5.68 -7.73
N GLN A 124 21.90 -5.81 -6.41
CA GLN A 124 23.19 -6.16 -5.82
C GLN A 124 23.60 -7.58 -6.17
N ARG A 125 22.62 -8.46 -6.39
CA ARG A 125 22.92 -9.84 -6.76
C ARG A 125 23.26 -10.02 -8.24
N THR A 126 22.60 -9.26 -9.11
CA THR A 126 22.59 -9.55 -10.55
C THR A 126 22.88 -8.37 -11.46
N GLY A 127 22.81 -7.15 -10.93
CA GLY A 127 22.97 -5.97 -11.73
C GLY A 127 21.69 -5.52 -12.42
N ALA A 128 20.61 -6.27 -12.20
CA ALA A 128 19.34 -5.98 -12.84
C ALA A 128 18.19 -6.14 -11.85
N VAL A 129 17.07 -5.49 -12.17
CA VAL A 129 15.85 -5.61 -11.38
C VAL A 129 14.67 -5.82 -12.32
N CYS A 130 13.97 -6.95 -12.21
CA CYS A 130 12.80 -7.21 -13.04
C CYS A 130 13.07 -6.96 -14.54
N GLY A 131 14.25 -7.37 -15.01
CA GLY A 131 14.58 -7.26 -16.41
C GLY A 131 15.22 -5.95 -16.82
N HIS A 132 15.29 -5.00 -15.89
CA HIS A 132 15.97 -3.74 -16.13
C HIS A 132 17.45 -3.80 -15.72
N VAL A 133 18.34 -3.78 -16.71
CA VAL A 133 19.77 -3.71 -16.45
C VAL A 133 20.14 -2.26 -16.14
N LEU A 134 20.61 -2.03 -14.91
CA LEU A 134 20.79 -0.67 -14.41
C LEU A 134 22.24 -0.21 -14.53
N PRO A 135 22.48 1.11 -14.38
CA PRO A 135 23.86 1.60 -14.32
C PRO A 135 24.64 0.98 -13.16
N GLN A 136 25.94 0.84 -13.31
CA GLN A 136 26.79 0.44 -12.19
C GLN A 136 26.88 1.58 -11.17
N GLY A 137 27.14 1.23 -9.93
CA GLY A 137 27.43 2.23 -8.91
C GLY A 137 26.25 2.71 -8.08
N LEU A 138 25.09 2.09 -8.23
CA LEU A 138 23.94 2.47 -7.42
C LEU A 138 23.98 1.77 -6.07
N GLY A 139 23.22 2.30 -5.11
CA GLY A 139 23.16 1.70 -3.79
C GLY A 139 21.87 2.02 -3.07
N GLU A 140 21.88 1.81 -1.76
CA GLU A 140 20.71 1.98 -0.91
C GLU A 140 20.12 3.39 -1.09
N ALA A 141 18.83 3.42 -1.39
CA ALA A 141 18.04 4.65 -1.57
C ALA A 141 18.52 5.53 -2.73
N SER A 142 19.26 4.96 -3.68
CA SER A 142 19.57 5.68 -4.92
C SER A 142 18.31 6.10 -5.68
N ARG A 143 18.30 7.32 -6.19
CA ARG A 143 17.19 7.78 -7.02
C ARG A 143 17.24 7.03 -8.34
N LEU A 144 16.08 6.57 -8.80
CA LEU A 144 15.96 5.97 -10.11
C LEU A 144 15.29 6.95 -11.07
N ASP A 145 15.92 7.21 -12.20
CA ASP A 145 15.29 8.07 -13.19
C ASP A 145 15.54 7.47 -14.57
N PRO A 146 14.45 7.10 -15.27
CA PRO A 146 13.05 7.21 -14.87
C PRO A 146 12.66 6.19 -13.79
N PRO A 147 11.47 6.34 -13.19
CA PRO A 147 11.03 5.30 -12.25
C PRO A 147 10.90 3.98 -13.00
N LEU A 148 11.10 2.87 -12.27
CA LEU A 148 11.05 1.53 -12.86
C LEU A 148 9.73 0.83 -12.59
N PHE A 149 9.23 0.14 -13.62
CA PHE A 149 8.15 -0.85 -13.45
C PHE A 149 8.77 -2.16 -13.01
N THR A 150 8.48 -2.57 -11.78
CA THR A 150 9.09 -3.77 -11.22
C THR A 150 8.02 -4.73 -10.72
N PRO A 151 7.36 -5.43 -11.66
CA PRO A 151 6.21 -6.27 -11.31
C PRO A 151 6.59 -7.47 -10.44
N ALA A 152 5.61 -7.97 -9.70
CA ALA A 152 5.80 -9.13 -8.85
C ALA A 152 4.55 -10.01 -8.88
N THR A 153 4.68 -11.26 -8.42
CA THR A 153 3.53 -12.15 -8.30
C THR A 153 3.47 -12.68 -6.89
N LYS A 154 2.26 -12.91 -6.40
CA LYS A 154 2.07 -13.46 -5.04
C LYS A 154 2.57 -14.90 -4.97
N ALA A 155 3.25 -15.23 -3.88
CA ALA A 155 3.76 -16.59 -3.68
C ALA A 155 2.85 -17.35 -2.71
N ASP A 156 3.40 -18.37 -2.07
CA ASP A 156 2.64 -19.14 -1.09
C ASP A 156 2.35 -18.29 0.14
N ILE A 157 1.40 -18.74 0.96
CA ILE A 157 1.06 -18.03 2.20
C ILE A 157 2.30 -17.83 3.07
N GLY A 158 2.53 -16.59 3.50
CA GLY A 158 3.63 -16.29 4.38
C GLY A 158 4.96 -16.14 3.65
N GLU A 159 4.91 -16.19 2.32
CA GLU A 159 6.10 -15.98 1.51
C GLU A 159 6.05 -14.63 0.83
N HIS A 160 7.21 -14.01 0.65
CA HIS A 160 7.29 -12.72 -0.04
C HIS A 160 6.89 -12.89 -1.50
N ASP A 161 6.38 -11.81 -2.11
CA ASP A 161 6.08 -11.82 -3.53
C ASP A 161 7.36 -12.08 -4.34
N MET A 162 7.22 -12.68 -5.51
CA MET A 162 8.36 -12.94 -6.38
C MET A 162 8.48 -11.89 -7.48
N ASN A 163 9.62 -11.23 -7.53
CA ASN A 163 9.88 -10.28 -8.61
C ASN A 163 10.00 -10.97 -9.96
N VAL A 164 9.34 -10.39 -10.97
CA VAL A 164 9.33 -10.96 -12.32
C VAL A 164 9.61 -9.86 -13.34
N ASP A 165 9.88 -10.26 -14.59
CA ASP A 165 10.19 -9.26 -15.60
C ASP A 165 8.99 -9.00 -16.50
N PHE A 166 9.16 -8.10 -17.48
CA PHE A 166 8.03 -7.73 -18.32
C PHE A 166 7.47 -8.93 -19.12
N ALA A 167 8.33 -9.83 -19.57
CA ALA A 167 7.87 -11.01 -20.31
C ALA A 167 6.92 -11.83 -19.43
N ALA A 168 7.21 -11.91 -18.14
CA ALA A 168 6.33 -12.66 -17.24
C ALA A 168 4.95 -11.99 -17.17
N VAL A 169 4.91 -10.66 -17.17
CA VAL A 169 3.64 -9.96 -17.13
C VAL A 169 2.86 -10.19 -18.43
N VAL A 170 3.54 -10.14 -19.58
CA VAL A 170 2.90 -10.47 -20.85
C VAL A 170 2.24 -11.85 -20.77
N GLY A 171 2.95 -12.83 -20.23
CA GLY A 171 2.41 -14.17 -20.07
C GLY A 171 1.23 -14.27 -19.13
N LEU A 172 1.10 -13.33 -18.20
CA LEU A 172 0.00 -13.37 -17.23
C LEU A 172 -1.28 -12.71 -17.73
N VAL A 173 -1.14 -11.61 -18.48
CA VAL A 173 -2.32 -10.81 -18.82
C VAL A 173 -2.49 -10.44 -20.29
N GLY A 174 -1.51 -10.78 -21.13
CA GLY A 174 -1.54 -10.39 -22.53
C GLY A 174 -0.54 -9.32 -22.87
N ALA A 175 -0.08 -9.27 -24.11
CA ALA A 175 0.93 -8.32 -24.55
C ALA A 175 0.43 -6.87 -24.48
N VAL A 176 -0.74 -6.59 -25.04
CA VAL A 176 -1.26 -5.23 -25.01
C VAL A 176 -1.61 -4.80 -23.58
N ARG A 177 -2.24 -5.69 -22.83
CA ARG A 177 -2.57 -5.36 -21.45
C ARG A 177 -1.30 -5.11 -20.61
N ALA A 178 -0.25 -5.88 -20.82
CA ALA A 178 0.99 -5.71 -20.08
C ALA A 178 1.57 -4.32 -20.33
N ASN A 179 1.52 -3.88 -21.58
CA ASN A 179 1.96 -2.52 -21.94
CA ASN A 179 1.99 -2.54 -21.91
C ASN A 179 1.16 -1.49 -21.19
N GLN A 180 -0.16 -1.71 -21.15
CA GLN A 180 -1.06 -0.79 -20.46
C GLN A 180 -0.78 -0.73 -18.96
N LEU A 181 -0.56 -1.87 -18.34
CA LEU A 181 -0.24 -1.92 -16.90
C LEU A 181 1.05 -1.16 -16.61
N ARG A 182 2.06 -1.37 -17.45
CA ARG A 182 3.34 -0.68 -17.28
CA ARG A 182 3.34 -0.69 -17.27
C ARG A 182 3.17 0.83 -17.38
N ASP A 183 2.48 1.26 -18.44
CA ASP A 183 2.32 2.70 -18.69
C ASP A 183 1.49 3.36 -17.60
N GLU A 184 0.39 2.75 -17.20
CA GLU A 184 -0.47 3.36 -16.18
C GLU A 184 0.23 3.38 -14.82
N THR A 185 0.92 2.30 -14.49
CA THR A 185 1.62 2.22 -13.20
C THR A 185 2.65 3.35 -13.08
N ILE A 186 3.46 3.54 -14.10
CA ILE A 186 4.46 4.60 -14.07
C ILE A 186 3.81 5.99 -14.07
N LYS A 187 2.77 6.19 -14.86
CA LYS A 187 2.10 7.50 -14.94
C LYS A 187 1.48 7.90 -13.60
N ILE A 188 0.73 7.01 -12.97
CA ILE A 188 0.07 7.41 -11.73
C ILE A 188 1.08 7.49 -10.56
N TYR A 189 2.09 6.62 -10.51
CA TYR A 189 3.15 6.79 -9.54
C TYR A 189 3.83 8.16 -9.67
N THR A 190 4.21 8.54 -10.89
CA THR A 190 4.88 9.82 -11.13
C THR A 190 4.03 11.00 -10.62
N ARG A 191 2.74 11.01 -10.95
CA ARG A 191 1.86 12.08 -10.49
C ARG A 191 1.79 12.14 -8.95
N ALA A 192 1.53 11.01 -8.30
CA ALA A 192 1.37 11.02 -6.86
C ALA A 192 2.67 11.33 -6.13
N ALA A 193 3.78 10.84 -6.66
CA ALA A 193 5.10 11.05 -6.04
C ALA A 193 5.46 12.53 -6.08
N ALA A 194 5.17 13.18 -7.21
CA ALA A 194 5.44 14.60 -7.31
C ALA A 194 4.56 15.40 -6.33
N HIS A 195 3.30 14.98 -6.16
CA HIS A 195 2.38 15.66 -5.25
C HIS A 195 2.87 15.55 -3.80
N ALA A 196 3.25 14.34 -3.42
CA ALA A 196 3.68 14.08 -2.06
C ALA A 196 4.97 14.84 -1.75
N LEU A 197 5.90 14.82 -2.71
CA LEU A 197 7.21 15.46 -2.50
C LEU A 197 7.06 16.95 -2.33
N HIS A 198 6.09 17.54 -3.02
CA HIS A 198 5.80 18.97 -2.90
C HIS A 198 5.37 19.32 -1.47
N LYS A 199 4.80 18.33 -0.77
CA LYS A 199 4.35 18.44 0.62
C LYS A 199 5.38 17.92 1.63
N GLY A 200 6.55 17.52 1.16
CA GLY A 200 7.63 17.11 2.04
C GLY A 200 7.74 15.62 2.33
N ILE A 201 7.00 14.79 1.59
CA ILE A 201 7.04 13.35 1.76
C ILE A 201 7.45 12.66 0.47
N ILE A 202 8.46 11.80 0.56
CA ILE A 202 8.83 10.98 -0.59
C ILE A 202 8.05 9.67 -0.58
N LEU A 203 7.36 9.40 -1.71
CA LEU A 203 6.80 8.08 -1.95
C LEU A 203 7.85 7.28 -2.73
N ALA A 204 8.58 6.41 -2.04
CA ALA A 204 9.78 5.82 -2.63
C ALA A 204 9.43 4.76 -3.67
N ASP A 205 8.30 4.11 -3.45
CA ASP A 205 7.79 3.06 -4.34
C ASP A 205 6.33 2.86 -3.97
N THR A 206 5.64 2.04 -4.73
CA THR A 206 4.22 1.82 -4.46
C THR A 206 3.78 0.55 -5.18
N LYS A 207 2.75 -0.10 -4.64
CA LYS A 207 2.19 -1.31 -5.24
C LYS A 207 0.71 -1.10 -5.57
N PHE A 208 0.34 -1.37 -6.83
CA PHE A 208 -1.05 -1.30 -7.29
C PHE A 208 -1.57 -2.68 -7.63
N GLU A 209 -2.88 -2.86 -7.48
CA GLU A 209 -3.56 -3.99 -8.09
C GLU A 209 -4.69 -3.45 -8.96
N PHE A 210 -4.82 -4.05 -10.13
CA PHE A 210 -5.82 -3.65 -11.11
C PHE A 210 -6.79 -4.77 -11.40
N GLY A 211 -8.00 -4.41 -11.80
CA GLY A 211 -8.96 -5.39 -12.29
C GLY A 211 -9.55 -4.88 -13.59
N VAL A 212 -10.37 -5.72 -14.19
CA VAL A 212 -11.05 -5.33 -15.42
CA VAL A 212 -11.04 -5.40 -15.44
C VAL A 212 -12.55 -5.44 -15.24
N ASP A 213 -13.27 -4.45 -15.76
CA ASP A 213 -14.73 -4.45 -15.62
C ASP A 213 -15.39 -5.26 -16.74
N ILE A 214 -16.72 -5.24 -16.76
CA ILE A 214 -17.49 -6.03 -17.72
C ILE A 214 -17.19 -5.63 -19.16
N GLU A 215 -16.74 -4.40 -19.35
CA GLU A 215 -16.49 -3.88 -20.69
C GLU A 215 -15.03 -4.02 -21.15
N GLY A 216 -14.20 -4.62 -20.31
CA GLY A 216 -12.81 -4.79 -20.65
C GLY A 216 -11.92 -3.65 -20.21
N ASN A 217 -12.50 -2.66 -19.55
CA ASN A 217 -11.76 -1.49 -19.09
C ASN A 217 -10.89 -1.77 -17.87
N LEU A 218 -9.68 -1.19 -17.88
CA LEU A 218 -8.76 -1.30 -16.75
C LEU A 218 -9.20 -0.40 -15.60
N VAL A 219 -9.28 -0.98 -14.40
CA VAL A 219 -9.76 -0.26 -13.23
C VAL A 219 -8.79 -0.42 -12.05
N LEU A 220 -8.38 0.70 -11.46
CA LEU A 220 -7.47 0.66 -10.32
C LEU A 220 -8.23 0.24 -9.06
N ALA A 221 -7.69 -0.74 -8.34
CA ALA A 221 -8.45 -1.33 -7.22
C ALA A 221 -7.61 -1.34 -5.95
N ASP A 222 -7.87 -2.29 -5.05
CA ASP A 222 -7.16 -2.38 -3.77
C ASP A 222 -7.13 -1.02 -3.05
N GLU A 223 -5.97 -0.65 -2.53
CA GLU A 223 -5.77 0.67 -1.93
C GLU A 223 -4.61 1.36 -2.64
N VAL A 224 -4.60 2.69 -2.60
CA VAL A 224 -3.58 3.42 -3.33
C VAL A 224 -2.81 4.41 -2.44
N PHE A 225 -1.49 4.27 -2.47
CA PHE A 225 -0.56 5.18 -1.79
C PHE A 225 -0.80 5.31 -0.30
N THR A 226 -1.14 4.19 0.33
CA THR A 226 -1.10 4.14 1.79
C THR A 226 0.33 3.82 2.24
N PRO A 227 0.62 4.04 3.53
CA PRO A 227 1.98 3.69 3.97
C PRO A 227 2.19 2.19 4.10
N ASP A 228 1.13 1.40 3.88
CA ASP A 228 1.25 -0.05 3.80
C ASP A 228 1.56 -0.49 2.37
N SER A 229 1.03 0.22 1.38
CA SER A 229 1.22 -0.14 -0.02
C SER A 229 2.43 0.55 -0.65
N SER A 230 2.99 1.51 0.09
CA SER A 230 4.04 2.40 -0.41
C SER A 230 5.04 2.71 0.70
N ARG A 231 6.30 2.89 0.36
CA ARG A 231 7.28 3.36 1.35
C ARG A 231 7.24 4.88 1.45
N TYR A 232 6.76 5.38 2.60
CA TYR A 232 6.78 6.81 2.94
C TYR A 232 8.08 7.19 3.62
N TRP A 233 8.75 8.22 3.09
CA TRP A 233 9.95 8.78 3.70
C TRP A 233 9.77 10.28 3.94
N ASP A 234 10.42 10.79 4.98
CA ASP A 234 10.51 12.23 5.21
C ASP A 234 11.51 12.84 4.22
N ALA A 235 11.04 13.69 3.32
CA ALA A 235 11.95 14.25 2.32
C ALA A 235 13.06 15.09 2.97
N ALA A 236 12.74 15.76 4.07
CA ALA A 236 13.72 16.62 4.74
C ALA A 236 14.95 15.86 5.25
N HIS A 237 14.84 14.54 5.35
CA HIS A 237 15.95 13.73 5.83
C HIS A 237 16.46 12.74 4.81
N TYR A 238 16.06 12.91 3.56
CA TYR A 238 16.49 11.98 2.51
C TYR A 238 18.01 12.07 2.32
N GLN A 239 18.67 10.94 2.48
CA GLN A 239 20.12 10.84 2.38
C GLN A 239 20.48 9.58 1.60
N PRO A 240 20.75 9.72 0.30
CA PRO A 240 21.14 8.52 -0.44
C PRO A 240 22.36 7.83 0.17
N GLY A 241 22.34 6.51 0.17
CA GLY A 241 23.48 5.75 0.65
C GLY A 241 23.28 5.06 2.00
N VAL A 242 22.23 5.46 2.72
CA VAL A 242 21.87 4.76 3.95
C VAL A 242 20.40 4.40 3.92
N VAL A 243 19.97 3.53 4.83
CA VAL A 243 18.57 3.13 4.91
C VAL A 243 17.72 4.29 5.47
N GLN A 244 16.66 4.64 4.75
CA GLN A 244 15.78 5.72 5.20
C GLN A 244 14.82 5.22 6.27
N ASP A 245 14.54 6.07 7.26
CA ASP A 245 13.50 5.73 8.24
C ASP A 245 12.13 5.60 7.59
N SER A 246 11.37 4.61 8.05
CA SER A 246 9.95 4.52 7.69
C SER A 246 9.19 5.67 8.33
N PHE A 247 8.51 6.51 7.55
CA PHE A 247 7.80 7.66 8.12
C PHE A 247 6.82 7.19 9.20
N ASP A 248 6.08 6.13 8.92
CA ASP A 248 5.03 5.67 9.83
C ASP A 248 5.49 4.62 10.84
N LYS A 249 6.40 3.72 10.44
CA LYS A 249 6.67 2.54 11.27
C LYS A 249 7.99 2.57 12.05
N GLN A 250 8.76 3.66 11.96
CA GLN A 250 10.10 3.60 12.55
C GLN A 250 10.08 3.55 14.09
N PHE A 251 9.10 4.18 14.73
CA PHE A 251 9.01 4.07 16.19
C PHE A 251 8.79 2.62 16.60
N VAL A 252 7.93 1.92 15.86
CA VAL A 252 7.63 0.52 16.14
C VAL A 252 8.86 -0.34 15.92
N ARG A 253 9.55 -0.11 14.80
CA ARG A 253 10.71 -0.92 14.48
C ARG A 253 11.81 -0.71 15.50
N ASN A 254 12.03 0.54 15.91
CA ASN A 254 13.09 0.85 16.86
C ASN A 254 12.83 0.26 18.24
N TRP A 255 11.58 0.30 18.69
CA TRP A 255 11.29 -0.25 20.01
C TRP A 255 11.45 -1.77 19.98
N LEU A 256 10.95 -2.41 18.93
CA LEU A 256 11.04 -3.86 18.84
C LEU A 256 12.48 -4.37 18.83
N THR A 257 13.37 -3.63 18.18
CA THR A 257 14.77 -4.06 18.05
C THR A 257 15.68 -3.37 19.08
N GLY A 258 15.08 -2.61 19.99
CA GLY A 258 15.82 -1.93 21.03
C GLY A 258 15.93 -2.75 22.31
N PRO A 259 16.52 -2.14 23.36
CA PRO A 259 16.83 -2.83 24.62
C PRO A 259 15.64 -3.07 25.55
N GLU A 260 14.48 -2.52 25.22
CA GLU A 260 13.33 -2.62 26.12
C GLU A 260 12.34 -3.71 25.76
N SER A 261 12.36 -4.18 24.52
CA SER A 261 11.37 -5.14 24.06
C SER A 261 11.61 -6.56 24.57
N GLY A 262 12.87 -6.90 24.78
CA GLY A 262 13.24 -8.25 25.16
C GLY A 262 13.06 -9.26 24.03
N TRP A 263 12.95 -8.74 22.81
CA TRP A 263 12.69 -9.58 21.64
C TRP A 263 13.92 -9.72 20.77
N ASP A 264 14.20 -10.96 20.36
CA ASP A 264 15.26 -11.24 19.41
C ASP A 264 14.67 -11.40 18.01
N ARG A 265 14.90 -10.40 17.15
CA ARG A 265 14.33 -10.38 15.81
C ARG A 265 14.79 -11.57 14.96
N ALA A 266 15.99 -12.06 15.25
CA ALA A 266 16.57 -13.14 14.47
C ALA A 266 16.07 -14.51 14.92
N SER A 267 15.20 -14.52 15.93
CA SER A 267 14.64 -15.76 16.45
C SER A 267 13.41 -16.19 15.68
N ASP A 268 12.78 -15.22 15.01
CA ASP A 268 11.53 -15.42 14.27
C ASP A 268 10.39 -15.88 15.18
N THR A 269 10.58 -15.78 16.49
CA THR A 269 9.49 -15.95 17.43
C THR A 269 8.63 -14.70 17.32
N PRO A 270 7.30 -14.85 17.50
CA PRO A 270 6.44 -13.66 17.35
C PRO A 270 6.86 -12.55 18.30
N PRO A 271 6.83 -11.29 17.83
CA PRO A 271 7.25 -10.17 18.65
C PRO A 271 6.24 -9.89 19.77
N PRO A 272 6.68 -9.22 20.84
CA PRO A 272 5.84 -8.86 21.99
C PRO A 272 4.93 -7.68 21.68
N PRO A 273 3.91 -7.45 22.52
CA PRO A 273 3.04 -6.29 22.31
C PRO A 273 3.80 -4.97 22.49
N LEU A 274 3.30 -3.93 21.85
CA LEU A 274 3.92 -2.61 21.88
C LEU A 274 3.49 -1.82 23.10
N PRO A 275 4.37 -0.94 23.60
CA PRO A 275 3.92 0.02 24.61
C PRO A 275 2.79 0.88 24.07
N ASP A 276 1.81 1.20 24.92
CA ASP A 276 0.72 2.10 24.53
C ASP A 276 1.26 3.40 23.93
N GLU A 277 2.30 3.96 24.54
CA GLU A 277 2.81 5.23 24.05
C GLU A 277 3.41 5.10 22.65
N VAL A 278 3.96 3.93 22.30
CA VAL A 278 4.47 3.75 20.94
C VAL A 278 3.32 3.66 19.94
N ALA A 279 2.24 2.98 20.34
CA ALA A 279 1.06 2.89 19.48
C ALA A 279 0.41 4.26 19.25
N VAL A 280 0.31 5.07 20.30
CA VAL A 280 -0.25 6.42 20.16
C VAL A 280 0.64 7.33 19.30
N ALA A 281 1.95 7.25 19.47
CA ALA A 281 2.89 8.05 18.67
C ALA A 281 2.80 7.66 17.21
N THR A 282 2.57 6.37 16.97
CA THR A 282 2.46 5.86 15.61
C THR A 282 1.18 6.36 14.95
N ARG A 283 0.08 6.35 15.69
CA ARG A 283 -1.17 6.94 15.23
C ARG A 283 -0.95 8.39 14.80
N GLU A 284 -0.21 9.13 15.62
CA GLU A 284 0.07 10.52 15.31
C GLU A 284 0.86 10.70 14.01
N ARG A 285 1.82 9.81 13.75
CA ARG A 285 2.56 9.83 12.50
C ARG A 285 1.64 9.60 11.30
N TYR A 286 0.69 8.66 11.43
CA TYR A 286 -0.26 8.45 10.34
C TYR A 286 -1.09 9.70 10.08
N ILE A 287 -1.58 10.34 11.14
CA ILE A 287 -2.39 11.54 10.98
C ILE A 287 -1.54 12.64 10.34
N GLU A 288 -0.29 12.78 10.77
CA GLU A 288 0.61 13.76 10.18
C GLU A 288 0.80 13.53 8.68
N ALA A 289 1.00 12.27 8.30
CA ALA A 289 1.23 12.01 6.89
C ALA A 289 -0.02 12.33 6.07
N TYR A 290 -1.18 11.89 6.56
CA TYR A 290 -2.45 12.17 5.91
C TYR A 290 -2.72 13.66 5.73
N GLU A 291 -2.57 14.42 6.81
CA GLU A 291 -2.91 15.84 6.75
C GLU A 291 -1.93 16.62 5.87
N ARG A 292 -0.66 16.27 5.91
CA ARG A 292 0.33 16.96 5.09
C ARG A 292 0.09 16.68 3.60
N ILE A 293 -0.20 15.45 3.25
CA ILE A 293 -0.43 15.09 1.85
C ILE A 293 -1.77 15.59 1.30
N SER A 294 -2.83 15.44 2.09
CA SER A 294 -4.19 15.76 1.61
C SER A 294 -4.59 17.22 1.75
N GLY A 295 -3.99 17.92 2.71
CA GLY A 295 -4.40 19.28 3.04
C GLY A 295 -5.71 19.32 3.80
N LEU A 296 -6.17 18.15 4.23
CA LEU A 296 -7.42 18.02 4.97
C LEU A 296 -7.13 17.72 6.44
N SER A 297 -8.15 17.87 7.28
CA SER A 297 -8.01 17.54 8.70
C SER A 297 -8.63 16.18 8.99
N PHE A 298 -7.89 15.33 9.67
CA PHE A 298 -8.44 14.02 9.99
C PHE A 298 -9.63 14.12 10.96
N SER A 299 -9.73 15.21 11.71
CA SER A 299 -10.87 15.40 12.62
C SER A 299 -12.18 15.53 11.84
N ASP A 300 -12.09 15.77 10.54
CA ASP A 300 -13.27 15.87 9.69
C ASP A 300 -13.63 14.54 9.03
N TRP A 301 -12.77 13.55 9.17
CA TRP A 301 -13.04 12.24 8.57
C TRP A 301 -14.09 11.47 9.37
N ILE A 302 -14.99 10.80 8.67
CA ILE A 302 -16.14 10.16 9.31
C ILE A 302 -15.74 8.96 10.18
N GLY A 303 -16.59 8.65 11.16
CA GLY A 303 -16.38 7.51 12.03
C GLY A 303 -17.65 7.11 12.75
N PRO A 304 -17.58 6.08 13.60
CA PRO A 304 -18.74 5.64 14.37
C PRO A 304 -19.17 6.68 15.41
S SO4 B . -3.17 -7.84 3.50
O1 SO4 B . -2.16 -6.79 3.47
O2 SO4 B . -3.49 -8.30 2.15
O3 SO4 B . -4.38 -7.36 4.16
O4 SO4 B . -2.64 -8.99 4.24
S SO4 C . 9.97 -4.82 -1.45
O1 SO4 C . 10.33 -3.55 -2.03
O2 SO4 C . 9.69 -5.78 -2.51
O3 SO4 C . 8.79 -4.66 -0.60
O4 SO4 C . 11.09 -5.24 -0.62
C1 EDO D . -7.46 1.23 3.19
O1 EDO D . -6.41 0.45 3.78
C2 EDO D . -8.31 0.31 2.33
O2 EDO D . -9.33 1.06 1.66
C1 EDO E . 6.76 -2.05 -2.88
O1 EDO E . 6.81 -3.23 -2.07
C2 EDO E . 5.86 -1.03 -2.21
O2 EDO E . 6.46 -0.60 -0.98
C1 EDO F . 18.29 8.65 6.83
O1 EDO F . 18.38 10.08 6.85
C2 EDO F . 17.16 8.20 7.75
O2 EDO F . 15.89 8.63 7.21
#